data_1OLR
#
_entry.id   1OLR
#
_cell.length_a   49.231
_cell.length_b   49.231
_cell.length_c   165.517
_cell.angle_alpha   90.00
_cell.angle_beta   90.00
_cell.angle_gamma   90.00
#
_symmetry.space_group_name_H-M   'P 43 21 2'
#
loop_
_entity.id
_entity.type
_entity.pdbx_description
1 polymer ENDO-BETA-1,4-GLUCANASE
2 water water
#
_entity_poly.entity_id   1
_entity_poly.type   'polypeptide(L)'
_entity_poly.pdbx_seq_one_letter_code
;(PCA)IRSLCELYGYWSGNGYELLNNLWGKDTATSGWQCTYLDGTNNGGIQWSTAWEWQGAPDNVKSYPYVGKQIQRGRK
ISDINSMRTSVSWTYDRTDIRANVAYDVFTARDPDHPNWGGDYELMIWLARYGGIYPIGTFHSQVNLAGRTWDLWTGYNG
NMRVYSFLPPSGDIRDFSCDIKDFFNYLERNHGYPAREQNLIVYQVGTECFTGGPARFTCRDFRADLW
;
_entity_poly.pdbx_strand_id   A
#
# COMPACT_ATOMS: atom_id res chain seq x y z
N ILE A 2 11.02 -10.54 -15.95
CA ILE A 2 11.93 -9.60 -16.59
C ILE A 2 13.04 -9.10 -15.65
N ARG A 3 12.70 -8.96 -14.37
CA ARG A 3 13.67 -8.55 -13.36
C ARG A 3 13.35 -9.33 -12.10
N SER A 4 14.39 -9.74 -11.40
CA SER A 4 14.28 -10.39 -10.11
C SER A 4 14.98 -9.52 -9.10
N LEU A 5 14.21 -8.93 -8.19
CA LEU A 5 14.72 -7.99 -7.21
C LEU A 5 14.71 -8.70 -5.88
N CYS A 6 15.73 -9.51 -5.67
CA CYS A 6 15.79 -10.34 -4.49
C CYS A 6 16.73 -9.76 -3.44
N GLU A 7 17.46 -8.72 -3.79
CA GLU A 7 18.29 -8.06 -2.81
C GLU A 7 17.41 -7.25 -1.89
N LEU A 8 17.93 -6.93 -0.73
CA LEU A 8 17.25 -6.02 0.17
C LEU A 8 17.19 -4.68 -0.53
N TYR A 9 15.99 -4.14 -0.64
CA TYR A 9 15.75 -2.90 -1.37
C TYR A 9 16.11 -2.99 -2.83
N GLY A 10 16.06 -4.18 -3.41
CA GLY A 10 16.22 -4.31 -4.82
C GLY A 10 15.18 -3.42 -5.48
N TYR A 11 15.58 -2.73 -6.55
CA TYR A 11 14.76 -1.68 -7.12
C TYR A 11 14.74 -1.66 -8.62
N TRP A 12 13.60 -1.30 -9.18
CA TRP A 12 13.45 -1.09 -10.62
C TRP A 12 12.57 0.11 -10.84
N SER A 13 12.79 0.83 -11.93
CA SER A 13 11.88 1.87 -12.31
C SER A 13 11.81 1.94 -13.80
N GLY A 14 10.65 2.30 -14.30
CA GLY A 14 10.45 2.43 -15.72
C GLY A 14 9.02 2.77 -16.02
N ASN A 15 8.78 3.44 -17.13
CA ASN A 15 7.43 3.74 -17.52
C ASN A 15 6.64 4.51 -16.46
N GLY A 16 7.34 5.33 -15.67
CA GLY A 16 6.71 6.12 -14.64
C GLY A 16 6.32 5.37 -13.38
N TYR A 17 6.75 4.12 -13.25
CA TYR A 17 6.47 3.29 -12.09
C TYR A 17 7.78 2.85 -11.50
N GLU A 18 7.71 2.37 -10.27
CA GLU A 18 8.85 1.80 -9.60
C GLU A 18 8.42 0.60 -8.80
N LEU A 19 9.39 -0.24 -8.48
CA LEU A 19 9.16 -1.50 -7.79
C LEU A 19 10.27 -1.67 -6.79
N LEU A 20 9.93 -2.07 -5.55
CA LEU A 20 10.93 -2.19 -4.51
C LEU A 20 10.74 -3.44 -3.66
N ASN A 21 11.81 -4.21 -3.50
CA ASN A 21 11.83 -5.35 -2.60
C ASN A 21 12.03 -4.78 -1.21
N ASN A 22 10.94 -4.24 -0.70
CA ASN A 22 10.94 -3.36 0.45
C ASN A 22 10.85 -4.13 1.75
N LEU A 23 11.95 -4.77 2.12
CA LEU A 23 11.95 -5.62 3.31
C LEU A 23 12.39 -4.79 4.52
N TRP A 24 11.62 -3.76 4.78
CA TRP A 24 11.99 -2.75 5.74
C TRP A 24 12.01 -3.21 7.19
N GLY A 25 11.24 -4.24 7.51
CA GLY A 25 11.12 -4.75 8.86
C GLY A 25 11.76 -6.10 9.04
N LYS A 26 12.63 -6.50 8.13
CA LYS A 26 13.13 -7.85 8.21
C LYS A 26 13.97 -8.14 9.44
N ASP A 27 14.48 -7.14 10.11
N ASP A 27 14.49 -7.10 10.10
CA ASP A 27 15.39 -7.48 11.18
CA ASP A 27 15.32 -7.27 11.30
C ASP A 27 14.60 -8.01 12.40
C ASP A 27 14.59 -8.11 12.34
N THR A 28 13.27 -7.99 12.32
CA THR A 28 12.45 -8.63 13.32
C THR A 28 12.17 -10.08 13.00
N ALA A 29 12.51 -10.51 11.80
CA ALA A 29 12.30 -11.90 11.46
C ALA A 29 13.41 -12.75 12.01
N THR A 30 13.06 -13.97 12.38
CA THR A 30 14.02 -14.96 12.84
C THR A 30 14.49 -15.89 11.71
N SER A 31 13.77 -15.91 10.60
CA SER A 31 14.20 -16.62 9.41
C SER A 31 13.32 -16.15 8.27
N GLY A 32 13.78 -16.42 7.06
CA GLY A 32 13.02 -16.15 5.86
C GLY A 32 13.67 -15.15 4.94
N TRP A 33 13.01 -14.98 3.81
CA TRP A 33 13.44 -14.05 2.82
C TRP A 33 12.28 -13.82 1.87
N GLN A 34 12.52 -12.93 0.91
CA GLN A 34 11.47 -12.50 0.00
C GLN A 34 12.13 -11.90 -1.22
N CYS A 35 11.51 -12.14 -2.38
CA CYS A 35 11.96 -11.55 -3.61
C CYS A 35 10.78 -10.93 -4.29
N THR A 36 11.03 -9.86 -5.05
CA THR A 36 10.02 -9.15 -5.83
C THR A 36 10.39 -9.24 -7.28
N TYR A 37 9.42 -9.59 -8.10
CA TYR A 37 9.66 -9.85 -9.50
C TYR A 37 8.87 -8.91 -10.36
N LEU A 38 9.53 -8.35 -11.37
CA LEU A 38 8.87 -7.59 -12.39
C LEU A 38 8.51 -8.59 -13.47
N ASP A 39 7.22 -8.78 -13.70
CA ASP A 39 6.74 -9.75 -14.66
C ASP A 39 6.46 -9.15 -16.02
N GLY A 40 6.11 -7.86 -16.05
CA GLY A 40 5.82 -7.20 -17.31
C GLY A 40 5.44 -5.79 -17.09
N THR A 41 5.46 -5.05 -18.20
CA THR A 41 5.02 -3.67 -18.19
C THR A 41 4.06 -3.47 -19.37
N ASN A 42 3.16 -4.40 -19.53
CA ASN A 42 2.22 -4.38 -20.63
C ASN A 42 1.05 -3.44 -20.43
N ASN A 43 0.55 -2.90 -21.55
CA ASN A 43 -0.68 -2.10 -21.60
C ASN A 43 -0.82 -0.94 -20.62
N GLY A 44 0.26 -0.20 -20.42
CA GLY A 44 0.26 0.96 -19.55
C GLY A 44 0.22 0.63 -18.06
N GLY A 45 0.39 -0.64 -17.76
CA GLY A 45 0.41 -1.07 -16.37
C GLY A 45 1.67 -1.82 -16.04
N ILE A 46 1.68 -2.35 -14.83
CA ILE A 46 2.76 -3.14 -14.30
C ILE A 46 2.20 -4.45 -13.84
N GLN A 47 2.91 -5.52 -14.18
CA GLN A 47 2.61 -6.86 -13.72
C GLN A 47 3.81 -7.30 -12.91
N TRP A 48 3.57 -7.75 -11.67
CA TRP A 48 4.68 -8.06 -10.79
C TRP A 48 4.21 -9.05 -9.77
N SER A 49 5.16 -9.60 -9.01
CA SER A 49 4.83 -10.58 -7.99
C SER A 49 5.86 -10.51 -6.89
N THR A 50 5.53 -11.15 -5.79
CA THR A 50 6.50 -11.33 -4.72
C THR A 50 6.26 -12.64 -4.01
N ALA A 51 7.35 -13.37 -3.80
CA ALA A 51 7.36 -14.66 -3.10
C ALA A 51 8.11 -14.46 -1.80
N TRP A 52 7.64 -15.12 -0.75
CA TRP A 52 8.22 -14.91 0.54
C TRP A 52 7.88 -15.99 1.53
N GLU A 53 8.69 -16.02 2.58
CA GLU A 53 8.40 -16.80 3.75
C GLU A 53 9.09 -16.09 4.90
N TRP A 54 8.37 -15.87 5.99
CA TRP A 54 8.93 -15.21 7.15
C TRP A 54 8.47 -15.86 8.41
N GLN A 55 9.37 -15.94 9.38
CA GLN A 55 9.02 -16.38 10.74
C GLN A 55 9.53 -15.39 11.76
N GLY A 56 8.84 -15.38 12.89
CA GLY A 56 9.18 -14.52 14.00
C GLY A 56 8.34 -13.27 14.04
N ALA A 57 8.06 -12.79 15.25
CA ALA A 57 7.42 -11.50 15.48
C ALA A 57 6.13 -11.34 14.68
N PRO A 58 5.10 -12.12 15.01
CA PRO A 58 3.87 -12.13 14.20
C PRO A 58 3.10 -10.81 14.14
N ASP A 59 3.39 -9.86 15.03
CA ASP A 59 2.75 -8.58 15.00
C ASP A 59 3.57 -7.54 14.25
N ASN A 60 4.74 -7.97 13.74
CA ASN A 60 5.63 -7.07 13.04
C ASN A 60 5.64 -7.31 11.55
N VAL A 61 5.41 -6.27 10.79
CA VAL A 61 5.52 -6.32 9.36
C VAL A 61 7.01 -6.48 9.03
N LYS A 62 7.32 -7.44 8.18
CA LYS A 62 8.68 -7.64 7.70
C LYS A 62 8.94 -6.88 6.44
N SER A 63 7.90 -6.72 5.65
CA SER A 63 8.08 -6.12 4.35
C SER A 63 6.80 -5.52 3.82
N TYR A 64 6.95 -4.66 2.82
CA TYR A 64 5.85 -4.16 2.04
C TYR A 64 6.40 -3.95 0.65
N PRO A 65 6.68 -5.03 -0.09
CA PRO A 65 7.05 -4.83 -1.48
C PRO A 65 5.92 -4.12 -2.17
N TYR A 66 6.26 -3.23 -3.08
CA TYR A 66 5.27 -2.41 -3.73
C TYR A 66 5.66 -2.02 -5.11
N VAL A 67 4.63 -1.69 -5.86
CA VAL A 67 4.77 -0.91 -7.06
C VAL A 67 4.27 0.49 -6.71
N GLY A 68 5.00 1.49 -7.18
CA GLY A 68 4.63 2.85 -6.91
C GLY A 68 4.56 3.65 -8.20
N LYS A 69 3.64 4.60 -8.22
CA LYS A 69 3.57 5.55 -9.31
C LYS A 69 4.54 6.66 -8.99
N GLN A 70 5.51 6.94 -9.87
CA GLN A 70 6.45 8.02 -9.64
C GLN A 70 5.73 9.35 -9.75
N ILE A 71 6.07 10.25 -8.86
CA ILE A 71 5.42 11.55 -8.86
C ILE A 71 6.40 12.64 -8.63
N GLN A 72 6.03 13.82 -9.09
CA GLN A 72 6.80 14.99 -8.82
C GLN A 72 6.40 15.54 -7.49
N ARG A 73 7.36 16.08 -6.76
CA ARG A 73 7.09 16.62 -5.46
C ARG A 73 6.33 17.92 -5.55
N GLY A 74 5.64 18.23 -4.47
CA GLY A 74 4.97 19.49 -4.30
C GLY A 74 3.56 19.55 -4.79
N ARG A 75 2.91 18.40 -5.00
CA ARG A 75 1.54 18.42 -5.43
C ARG A 75 0.65 18.36 -4.20
N LYS A 76 -0.05 19.46 -3.95
CA LYS A 76 -0.99 19.50 -2.84
C LYS A 76 -2.15 18.58 -3.15
N ILE A 77 -2.59 17.85 -2.14
CA ILE A 77 -3.67 16.91 -2.35
C ILE A 77 -4.91 17.62 -2.87
N SER A 78 -5.16 18.82 -2.38
CA SER A 78 -6.31 19.57 -2.82
C SER A 78 -6.26 19.92 -4.30
N ASP A 79 -5.08 19.97 -4.90
CA ASP A 79 -4.93 20.29 -6.29
C ASP A 79 -4.71 19.06 -7.16
N ILE A 80 -4.89 17.89 -6.59
CA ILE A 80 -4.91 16.66 -7.36
C ILE A 80 -6.38 16.36 -7.56
N ASN A 81 -6.84 16.37 -8.79
CA ASN A 81 -8.25 16.14 -9.03
C ASN A 81 -8.65 14.69 -8.94
N SER A 82 -7.76 13.81 -9.38
CA SER A 82 -8.12 12.41 -9.40
C SER A 82 -6.89 11.54 -9.28
N MET A 83 -7.08 10.40 -8.62
CA MET A 83 -6.04 9.36 -8.47
C MET A 83 -6.70 8.05 -8.81
N ARG A 84 -7.00 7.85 -10.09
CA ARG A 84 -7.64 6.64 -10.53
C ARG A 84 -6.66 5.52 -10.64
N THR A 85 -6.99 4.39 -10.05
CA THR A 85 -6.11 3.26 -10.05
C THR A 85 -6.92 1.98 -10.07
N SER A 86 -6.28 0.94 -10.57
CA SER A 86 -6.90 -0.36 -10.60
C SER A 86 -5.82 -1.39 -10.36
N VAL A 87 -6.23 -2.49 -9.76
CA VAL A 87 -5.34 -3.60 -9.48
C VAL A 87 -6.10 -4.90 -9.54
N SER A 88 -5.42 -5.91 -10.06
CA SER A 88 -5.90 -7.26 -10.11
C SER A 88 -4.81 -8.12 -9.54
N TRP A 89 -5.15 -8.92 -8.55
CA TRP A 89 -4.11 -9.71 -7.90
C TRP A 89 -4.67 -11.01 -7.37
N THR A 90 -3.75 -11.90 -7.05
CA THR A 90 -4.07 -13.12 -6.34
C THR A 90 -2.99 -13.40 -5.33
N TYR A 91 -3.38 -14.13 -4.31
CA TYR A 91 -2.44 -14.79 -3.40
C TYR A 91 -2.64 -16.29 -3.59
N ASP A 92 -1.56 -17.04 -3.54
CA ASP A 92 -1.67 -18.49 -3.71
C ASP A 92 -2.23 -19.20 -2.52
N ARG A 93 -2.25 -18.56 -1.36
CA ARG A 93 -2.78 -19.10 -0.13
C ARG A 93 -3.16 -17.93 0.76
N THR A 94 -4.05 -18.19 1.71
CA THR A 94 -4.51 -17.14 2.61
C THR A 94 -4.23 -17.48 4.05
N ASP A 95 -3.65 -18.64 4.31
CA ASP A 95 -3.27 -19.01 5.65
C ASP A 95 -1.89 -18.42 5.99
N ILE A 96 -1.85 -17.10 5.97
CA ILE A 96 -0.66 -16.31 6.21
C ILE A 96 -1.08 -15.06 6.95
N ARG A 97 -0.12 -14.37 7.56
CA ARG A 97 -0.38 -13.08 8.15
C ARG A 97 0.16 -12.05 7.20
N ALA A 98 -0.75 -11.40 6.49
CA ALA A 98 -0.40 -10.50 5.42
C ALA A 98 -1.62 -9.77 4.98
N ASN A 99 -1.41 -8.64 4.31
CA ASN A 99 -2.49 -7.92 3.65
C ASN A 99 -2.10 -7.66 2.21
N VAL A 100 -3.02 -7.04 1.49
CA VAL A 100 -2.76 -6.39 0.22
C VAL A 100 -3.27 -5.00 0.46
N ALA A 101 -2.54 -3.95 0.08
CA ALA A 101 -3.00 -2.62 0.40
C ALA A 101 -2.34 -1.58 -0.46
N TYR A 102 -3.14 -0.57 -0.77
CA TYR A 102 -2.59 0.69 -1.23
C TYR A 102 -2.02 1.43 -0.04
N ASP A 103 -0.92 2.14 -0.30
CA ASP A 103 -0.29 2.97 0.71
C ASP A 103 -0.02 4.31 0.07
N VAL A 104 -0.41 5.38 0.76
CA VAL A 104 -0.21 6.73 0.30
C VAL A 104 0.29 7.52 1.47
N PHE A 105 1.37 8.27 1.30
CA PHE A 105 1.89 9.17 2.32
C PHE A 105 1.69 10.58 1.81
N THR A 106 1.41 11.50 2.73
CA THR A 106 1.41 12.92 2.41
C THR A 106 2.15 13.64 3.51
N ALA A 107 2.68 14.81 3.20
CA ALA A 107 3.37 15.61 4.19
C ALA A 107 3.31 17.06 3.82
N ARG A 108 3.31 17.91 4.85
CA ARG A 108 3.35 19.34 4.61
C ARG A 108 4.70 19.74 4.00
N ASP A 109 5.76 19.03 4.38
CA ASP A 109 7.06 19.24 3.78
C ASP A 109 7.07 18.46 2.47
N PRO A 110 7.10 19.15 1.34
CA PRO A 110 7.03 18.43 0.06
C PRO A 110 8.24 17.55 -0.19
N ASP A 111 9.33 17.80 0.54
CA ASP A 111 10.55 17.02 0.41
C ASP A 111 10.67 15.92 1.45
N HIS A 112 9.59 15.62 2.16
CA HIS A 112 9.64 14.56 3.14
C HIS A 112 10.09 13.28 2.47
N PRO A 113 10.96 12.52 3.11
CA PRO A 113 11.38 11.26 2.52
C PRO A 113 10.24 10.28 2.33
N ASN A 114 10.44 9.32 1.44
CA ASN A 114 9.37 8.43 1.00
C ASN A 114 8.97 7.33 1.96
N TRP A 115 9.65 7.22 3.10
CA TRP A 115 9.32 6.20 4.08
C TRP A 115 8.14 6.59 4.96
N GLY A 116 7.65 7.81 4.86
CA GLY A 116 6.54 8.22 5.68
C GLY A 116 6.08 9.62 5.33
N GLY A 117 5.45 10.27 6.29
CA GLY A 117 4.91 11.59 6.10
C GLY A 117 4.15 12.01 7.32
N ASP A 118 3.34 13.03 7.15
CA ASP A 118 2.45 13.50 8.21
C ASP A 118 1.21 12.60 8.34
N TYR A 119 0.79 12.05 7.20
CA TYR A 119 -0.39 11.21 7.11
C TYR A 119 -0.11 10.04 6.22
N GLU A 120 -0.78 8.95 6.55
CA GLU A 120 -0.78 7.76 5.73
C GLU A 120 -2.21 7.36 5.48
N LEU A 121 -2.53 7.07 4.23
CA LEU A 121 -3.83 6.56 3.84
C LEU A 121 -3.60 5.18 3.23
N MET A 122 -4.20 4.17 3.84
CA MET A 122 -4.15 2.82 3.31
C MET A 122 -5.51 2.37 2.89
N ILE A 123 -5.55 1.60 1.81
CA ILE A 123 -6.78 0.94 1.37
C ILE A 123 -6.43 -0.52 1.28
N TRP A 124 -6.93 -1.29 2.24
CA TRP A 124 -6.61 -2.71 2.27
C TRP A 124 -7.59 -3.50 1.42
N LEU A 125 -7.05 -4.41 0.64
CA LEU A 125 -7.82 -5.29 -0.20
C LEU A 125 -7.82 -6.72 0.30
N ALA A 126 -7.07 -6.99 1.36
CA ALA A 126 -7.03 -8.31 1.98
C ALA A 126 -6.55 -8.12 3.37
N ARG A 127 -6.95 -9.03 4.24
CA ARG A 127 -6.57 -9.01 5.64
C ARG A 127 -6.53 -10.46 6.08
N TYR A 128 -5.36 -11.06 6.01
CA TYR A 128 -5.23 -12.47 6.27
C TYR A 128 -4.56 -12.77 7.59
N GLY A 129 -4.97 -13.89 8.19
CA GLY A 129 -4.26 -14.45 9.33
C GLY A 129 -4.45 -13.79 10.65
N GLY A 130 -5.42 -12.91 10.73
CA GLY A 130 -5.73 -12.29 11.99
C GLY A 130 -5.02 -11.00 12.28
N ILE A 131 -4.36 -10.41 11.29
CA ILE A 131 -3.64 -9.16 11.51
C ILE A 131 -4.58 -7.99 11.73
N TYR A 132 -4.03 -6.94 12.30
CA TYR A 132 -4.71 -5.70 12.55
C TYR A 132 -4.00 -4.55 11.85
N PRO A 133 -4.74 -3.51 11.47
CA PRO A 133 -4.12 -2.29 10.97
C PRO A 133 -3.67 -1.46 12.15
N ILE A 134 -3.12 -0.31 11.86
N ILE A 134 -3.10 -0.30 11.86
CA ILE A 134 -2.76 0.62 12.90
CA ILE A 134 -2.77 0.67 12.89
C ILE A 134 -4.01 1.26 13.51
C ILE A 134 -4.03 1.22 13.52
N GLY A 135 -4.00 1.36 14.84
CA GLY A 135 -5.06 2.04 15.52
C GLY A 135 -6.27 1.26 15.93
N THR A 136 -7.40 1.93 15.83
CA THR A 136 -8.66 1.38 16.29
C THR A 136 -9.75 1.67 15.29
N PHE A 137 -10.80 0.85 15.33
CA PHE A 137 -11.91 1.01 14.44
C PHE A 137 -12.60 2.33 14.70
N HIS A 138 -12.88 3.06 13.64
CA HIS A 138 -13.51 4.36 13.76
C HIS A 138 -14.98 4.37 13.35
N SER A 139 -15.29 3.90 12.14
CA SER A 139 -16.60 4.00 11.59
C SER A 139 -16.62 3.31 10.26
N GLN A 140 -17.80 3.14 9.68
CA GLN A 140 -17.92 2.60 8.34
C GLN A 140 -18.13 3.75 7.37
N VAL A 141 -17.61 3.54 6.16
CA VAL A 141 -17.65 4.56 5.14
C VAL A 141 -17.95 3.89 3.82
N ASN A 142 -18.78 4.56 3.04
CA ASN A 142 -19.15 4.06 1.74
C ASN A 142 -18.39 4.83 0.67
N LEU A 143 -17.47 4.15 0.00
CA LEU A 143 -16.66 4.73 -1.06
C LEU A 143 -16.34 3.67 -2.08
N ALA A 144 -16.16 4.08 -3.31
CA ALA A 144 -15.71 3.18 -4.38
C ALA A 144 -16.64 2.00 -4.57
N GLY A 145 -17.92 2.20 -4.26
CA GLY A 145 -18.90 1.16 -4.45
C GLY A 145 -18.93 0.10 -3.38
N ARG A 146 -18.15 0.31 -2.32
CA ARG A 146 -18.04 -0.65 -1.24
C ARG A 146 -18.24 0.03 0.09
N THR A 147 -18.38 -0.79 1.10
CA THR A 147 -18.39 -0.30 2.47
C THR A 147 -17.06 -0.69 3.08
N TRP A 148 -16.46 0.25 3.81
CA TRP A 148 -15.16 0.05 4.42
C TRP A 148 -15.27 0.23 5.91
N ASP A 149 -14.48 -0.55 6.63
CA ASP A 149 -14.24 -0.25 8.02
C ASP A 149 -13.02 0.66 8.09
N LEU A 150 -13.23 1.89 8.53
CA LEU A 150 -12.13 2.81 8.68
C LEU A 150 -11.53 2.65 10.07
N TRP A 151 -10.23 2.48 10.08
CA TRP A 151 -9.42 2.45 11.28
C TRP A 151 -8.52 3.66 11.27
N THR A 152 -8.31 4.23 12.43
CA THR A 152 -7.39 5.37 12.55
C THR A 152 -6.49 5.22 13.74
N GLY A 153 -5.29 5.75 13.62
CA GLY A 153 -4.35 5.77 14.73
C GLY A 153 -3.12 6.51 14.32
N TYR A 154 -2.05 6.26 15.04
CA TYR A 154 -0.80 6.93 14.81
C TYR A 154 0.34 5.94 14.74
N ASN A 155 1.30 6.26 13.89
CA ASN A 155 2.58 5.56 13.83
C ASN A 155 3.57 6.67 14.06
N GLY A 156 4.08 6.78 15.29
CA GLY A 156 4.90 7.91 15.64
C GLY A 156 4.02 9.13 15.55
N ASN A 157 4.47 10.17 14.87
CA ASN A 157 3.65 11.37 14.78
C ASN A 157 2.73 11.38 13.56
N MET A 158 2.79 10.30 12.77
CA MET A 158 2.04 10.19 11.54
C MET A 158 0.66 9.61 11.81
N ARG A 159 -0.37 10.30 11.36
CA ARG A 159 -1.74 9.86 11.53
C ARG A 159 -2.04 8.90 10.38
N VAL A 160 -2.59 7.75 10.69
CA VAL A 160 -2.83 6.69 9.74
C VAL A 160 -4.30 6.38 9.65
N TYR A 161 -4.82 6.45 8.42
CA TYR A 161 -6.21 6.14 8.09
C TYR A 161 -6.18 4.92 7.21
N SER A 162 -6.75 3.82 7.71
CA SER A 162 -6.77 2.57 6.95
C SER A 162 -8.21 2.14 6.68
N PHE A 163 -8.53 1.95 5.40
CA PHE A 163 -9.86 1.53 4.99
C PHE A 163 -9.79 0.05 4.69
N LEU A 164 -10.56 -0.74 5.44
CA LEU A 164 -10.46 -2.19 5.38
C LEU A 164 -11.76 -2.79 4.85
N PRO A 165 -11.67 -3.92 4.18
CA PRO A 165 -12.87 -4.64 3.79
C PRO A 165 -13.45 -5.33 5.02
N PRO A 166 -14.73 -5.15 5.29
CA PRO A 166 -15.33 -5.79 6.46
C PRO A 166 -15.23 -7.30 6.40
N SER A 167 -15.21 -7.86 5.21
CA SER A 167 -15.11 -9.31 5.14
C SER A 167 -14.53 -9.70 3.79
N GLY A 168 -13.77 -10.79 3.76
CA GLY A 168 -13.19 -11.30 2.56
C GLY A 168 -12.10 -10.39 2.01
N ASP A 169 -11.78 -10.62 0.74
CA ASP A 169 -10.79 -9.85 0.04
C ASP A 169 -11.35 -9.29 -1.23
N ILE A 170 -10.56 -8.45 -1.89
CA ILE A 170 -10.95 -7.76 -3.10
C ILE A 170 -9.81 -7.88 -4.08
N ARG A 171 -9.88 -8.95 -4.87
CA ARG A 171 -8.80 -9.30 -5.78
C ARG A 171 -8.83 -8.56 -7.10
N ASP A 172 -9.92 -7.88 -7.39
CA ASP A 172 -10.03 -7.05 -8.58
C ASP A 172 -10.72 -5.80 -8.14
N PHE A 173 -9.99 -4.69 -8.24
CA PHE A 173 -10.41 -3.45 -7.62
C PHE A 173 -10.05 -2.27 -8.44
N SER A 174 -10.91 -1.28 -8.40
CA SER A 174 -10.61 0.02 -8.97
C SER A 174 -11.20 1.08 -8.08
N CYS A 175 -10.53 2.23 -8.02
CA CYS A 175 -11.08 3.35 -7.28
C CYS A 175 -10.41 4.62 -7.71
N ASP A 176 -10.89 5.72 -7.15
CA ASP A 176 -10.23 7.00 -7.26
C ASP A 176 -9.84 7.34 -5.84
N ILE A 177 -8.54 7.35 -5.55
CA ILE A 177 -8.10 7.62 -4.19
C ILE A 177 -8.50 9.00 -3.73
N LYS A 178 -8.71 9.93 -4.64
CA LYS A 178 -9.18 11.23 -4.22
C LYS A 178 -10.51 11.15 -3.52
N ASP A 179 -11.34 10.16 -3.84
CA ASP A 179 -12.58 10.03 -3.10
C ASP A 179 -12.33 9.78 -1.62
N PHE A 180 -11.30 9.02 -1.34
CA PHE A 180 -10.92 8.70 0.04
C PHE A 180 -10.33 9.93 0.72
N PHE A 181 -9.45 10.63 0.05
CA PHE A 181 -8.95 11.89 0.60
C PHE A 181 -10.07 12.89 0.82
N ASN A 182 -10.98 13.01 -0.13
CA ASN A 182 -12.06 13.97 0.02
C ASN A 182 -12.92 13.66 1.21
N TYR A 183 -13.18 12.38 1.42
CA TYR A 183 -13.90 11.94 2.59
C TYR A 183 -13.19 12.36 3.88
N LEU A 184 -11.88 12.16 3.90
CA LEU A 184 -11.11 12.55 5.06
C LEU A 184 -11.08 14.05 5.25
N GLU A 185 -11.00 14.80 4.15
CA GLU A 185 -10.99 16.24 4.23
C GLU A 185 -12.27 16.76 4.84
N ARG A 186 -13.39 16.22 4.38
CA ARG A 186 -14.69 16.66 4.87
C ARG A 186 -14.91 16.27 6.31
N ASN A 187 -14.74 14.99 6.61
CA ASN A 187 -15.24 14.46 7.89
C ASN A 187 -14.19 14.27 8.94
N HIS A 188 -12.94 14.37 8.57
CA HIS A 188 -11.85 14.17 9.51
C HIS A 188 -10.89 15.34 9.57
N GLY A 189 -11.20 16.43 8.89
CA GLY A 189 -10.35 17.60 8.97
C GLY A 189 -8.98 17.41 8.35
N TYR A 190 -8.87 16.43 7.45
CA TYR A 190 -7.59 16.18 6.80
C TYR A 190 -7.19 17.41 6.00
N PRO A 191 -6.02 17.98 6.28
CA PRO A 191 -5.64 19.27 5.70
C PRO A 191 -5.07 19.18 4.31
N ALA A 192 -5.92 18.80 3.37
CA ALA A 192 -5.53 18.55 2.00
C ALA A 192 -4.86 19.72 1.32
N ARG A 193 -5.20 20.95 1.74
CA ARG A 193 -4.66 22.12 1.08
C ARG A 193 -3.21 22.33 1.45
N GLU A 194 -2.74 21.73 2.53
CA GLU A 194 -1.34 21.91 2.86
C GLU A 194 -0.52 20.66 2.84
N GLN A 195 -1.11 19.54 2.43
CA GLN A 195 -0.41 18.28 2.37
C GLN A 195 0.00 17.99 0.94
N ASN A 196 1.24 17.56 0.78
CA ASN A 196 1.79 17.19 -0.51
C ASN A 196 1.85 15.68 -0.66
N LEU A 197 1.58 15.18 -1.85
CA LEU A 197 1.66 13.75 -2.08
C LEU A 197 3.12 13.31 -2.03
N ILE A 198 3.41 12.24 -1.27
CA ILE A 198 4.74 11.73 -1.14
C ILE A 198 4.93 10.41 -1.84
N VAL A 199 4.05 9.43 -1.60
CA VAL A 199 4.08 8.18 -2.37
C VAL A 199 2.66 7.75 -2.70
N TYR A 200 2.55 6.86 -3.69
CA TYR A 200 1.29 6.36 -4.24
C TYR A 200 1.61 4.94 -4.70
N GLN A 201 1.24 3.97 -3.87
CA GLN A 201 1.72 2.61 -4.00
C GLN A 201 0.65 1.58 -3.78
N VAL A 202 0.87 0.39 -4.32
CA VAL A 202 0.12 -0.78 -3.88
C VAL A 202 1.13 -1.90 -3.64
N GLY A 203 0.82 -2.77 -2.70
CA GLY A 203 1.72 -3.85 -2.39
C GLY A 203 1.10 -4.75 -1.35
N THR A 204 1.96 -5.52 -0.69
CA THR A 204 1.51 -6.48 0.29
C THR A 204 2.37 -6.41 1.52
N GLU A 205 1.75 -6.14 2.67
CA GLU A 205 2.48 -6.17 3.93
C GLU A 205 2.53 -7.60 4.39
N CYS A 206 3.74 -8.09 4.62
CA CYS A 206 3.96 -9.49 4.95
C CYS A 206 4.49 -9.58 6.36
N PHE A 207 3.79 -10.33 7.20
CA PHE A 207 4.13 -10.46 8.61
C PHE A 207 4.81 -11.81 8.85
N THR A 208 4.06 -12.91 8.72
CA THR A 208 4.63 -14.24 8.88
C THR A 208 3.88 -15.20 8.02
N GLY A 209 4.53 -16.34 7.80
CA GLY A 209 3.94 -17.42 7.08
C GLY A 209 4.67 -17.73 5.81
N GLY A 210 4.02 -18.50 4.94
CA GLY A 210 4.60 -18.86 3.67
C GLY A 210 5.25 -20.24 3.71
N PRO A 211 5.85 -20.66 2.62
CA PRO A 211 5.97 -19.89 1.38
C PRO A 211 4.66 -19.42 0.76
N ALA A 212 4.64 -18.15 0.39
CA ALA A 212 3.47 -17.56 -0.20
C ALA A 212 3.88 -16.76 -1.40
N ARG A 213 2.94 -16.52 -2.29
CA ARG A 213 3.24 -15.71 -3.46
C ARG A 213 2.07 -14.83 -3.79
N PHE A 214 2.37 -13.54 -3.85
CA PHE A 214 1.45 -12.52 -4.29
C PHE A 214 1.71 -12.27 -5.76
N THR A 215 0.65 -12.34 -6.58
CA THR A 215 0.76 -12.05 -8.00
C THR A 215 -0.11 -10.86 -8.30
N CYS A 216 0.51 -9.79 -8.79
CA CYS A 216 -0.22 -8.67 -9.29
C CYS A 216 -0.33 -8.86 -10.79
N ARG A 217 -1.50 -9.31 -11.19
CA ARG A 217 -1.83 -9.53 -12.59
C ARG A 217 -1.80 -8.25 -13.37
N ASP A 218 -2.21 -7.17 -12.74
CA ASP A 218 -2.12 -5.86 -13.36
C ASP A 218 -2.28 -4.77 -12.33
N PHE A 219 -1.53 -3.71 -12.52
CA PHE A 219 -1.64 -2.51 -11.73
C PHE A 219 -1.52 -1.33 -12.64
N ARG A 220 -2.41 -0.36 -12.42
CA ARG A 220 -2.34 0.89 -13.12
C ARG A 220 -2.67 1.98 -12.13
N ALA A 221 -2.01 3.11 -12.26
CA ALA A 221 -2.31 4.23 -11.42
C ALA A 221 -2.05 5.49 -12.22
N ASP A 222 -2.99 6.40 -12.11
CA ASP A 222 -2.90 7.66 -12.74
C ASP A 222 -3.13 8.72 -11.72
N LEU A 223 -2.75 9.93 -12.06
CA LEU A 223 -3.26 11.03 -11.30
C LEU A 223 -3.28 12.23 -12.18
N TRP A 224 -4.25 13.05 -11.86
N TRP A 224 -4.26 13.08 -11.95
CA TRP A 224 -4.48 14.26 -12.61
CA TRP A 224 -4.29 14.36 -12.60
C TRP A 224 -4.83 15.36 -11.65
C TRP A 224 -4.80 15.40 -11.63
#